data_3H3H
#
_entry.id   3H3H
#
_cell.length_a   61.746
_cell.length_b   73.399
_cell.length_c   97.049
_cell.angle_alpha   90.000
_cell.angle_beta   90.000
_cell.angle_gamma   90.000
#
_symmetry.space_group_name_H-M   'C 2 2 21'
#
loop_
_entity.id
_entity.type
_entity.pdbx_description
1 polymer 'uncharacterized SnoaL-like protein'
2 non-polymer 'UNKNOWN LIGAND'
3 non-polymer '2-(N-MORPHOLINO)-ETHANESULFONIC ACID'
4 water water
#
_entity_poly.entity_id   1
_entity_poly.type   'polypeptide(L)'
_entity_poly.pdbx_seq_one_letter_code
;G(MSE)EPITQAFAQQFSREWIDAWNAHDLDAILSHYADGFE(MSE)SSP(MSE)IVQIAGEPSGRLRGKEQVGAYWREA
LR(MSE)IPDLHFEWIATLAGVDSVAIHYRGAKGRLALEVFHFGPDRRVVKALAHYAG
;
_entity_poly.pdbx_strand_id   A,B
#
# COMPACT_ATOMS: atom_id res chain seq x y z
N PRO A 4 -11.38 0.10 -13.27
CA PRO A 4 -10.38 0.43 -12.21
C PRO A 4 -10.34 1.92 -11.79
N ILE A 5 -9.64 2.19 -10.69
CA ILE A 5 -9.49 3.54 -10.13
C ILE A 5 -8.80 4.42 -11.13
N THR A 6 -9.16 5.68 -11.23
CA THR A 6 -8.41 6.55 -12.15
C THR A 6 -7.48 7.44 -11.38
N GLN A 7 -6.47 7.93 -12.09
CA GLN A 7 -5.53 8.86 -11.52
C GLN A 7 -6.22 10.18 -11.09
N ALA A 8 -7.15 10.66 -11.90
CA ALA A 8 -7.90 11.89 -11.55
C ALA A 8 -8.58 11.67 -10.20
N PHE A 9 -9.26 10.56 -10.07
CA PHE A 9 -9.95 10.23 -8.84
C PHE A 9 -8.98 10.13 -7.64
N ALA A 10 -7.90 9.41 -7.80
CA ALA A 10 -6.98 9.23 -6.74
C ALA A 10 -6.42 10.57 -6.24
N GLN A 11 -6.05 11.45 -7.15
CA GLN A 11 -5.43 12.68 -6.77
C GLN A 11 -6.42 13.58 -6.07
N GLN A 12 -7.64 13.62 -6.57
CA GLN A 12 -8.70 14.43 -5.93
C GLN A 12 -9.05 13.88 -4.54
N PHE A 13 -9.20 12.56 -4.46
CA PHE A 13 -9.41 11.92 -3.16
C PHE A 13 -8.31 12.30 -2.18
N SER A 14 -7.07 12.27 -2.65
N SER A 14 -7.05 12.27 -2.62
CA SER A 14 -5.96 12.55 -1.76
CA SER A 14 -5.95 12.54 -1.68
C SER A 14 -5.99 13.99 -1.24
C SER A 14 -5.99 14.01 -1.22
N ARG A 15 -6.29 14.92 -2.14
CA ARG A 15 -6.45 16.34 -1.78
C ARG A 15 -7.51 16.49 -0.70
N GLU A 16 -8.60 15.77 -0.86
CA GLU A 16 -9.72 15.80 0.09
C GLU A 16 -9.31 15.23 1.45
N TRP A 17 -8.59 14.10 1.47
CA TRP A 17 -8.28 13.40 2.65
C TRP A 17 -7.24 14.19 3.43
N ILE A 18 -6.20 14.66 2.77
CA ILE A 18 -5.16 15.41 3.43
C ILE A 18 -5.80 16.68 4.00
N ASP A 19 -6.61 17.35 3.19
CA ASP A 19 -7.26 18.56 3.67
C ASP A 19 -8.13 18.30 4.88
N ALA A 20 -8.91 17.24 4.87
CA ALA A 20 -9.79 16.98 6.02
C ALA A 20 -8.99 16.80 7.31
N TRP A 21 -7.92 16.01 7.24
CA TRP A 21 -7.04 15.86 8.38
C TRP A 21 -6.41 17.17 8.80
N ASN A 22 -5.93 17.97 7.86
CA ASN A 22 -5.27 19.22 8.20
C ASN A 22 -6.23 20.28 8.77
N ALA A 23 -7.51 20.13 8.46
CA ALA A 23 -8.58 21.02 9.00
C ALA A 23 -9.04 20.51 10.36
N HIS A 24 -8.57 19.34 10.73
CA HIS A 24 -8.91 18.67 11.99
C HIS A 24 -10.40 18.41 12.11
N ASP A 25 -10.93 17.95 11.00
CA ASP A 25 -12.36 17.88 10.75
C ASP A 25 -12.80 16.43 10.68
N LEU A 26 -13.19 15.89 11.83
CA LEU A 26 -13.51 14.47 11.95
C LEU A 26 -14.68 14.10 11.03
N ASP A 27 -15.70 14.94 10.99
CA ASP A 27 -16.82 14.71 10.09
C ASP A 27 -16.39 14.63 8.66
N ALA A 28 -15.52 15.53 8.22
CA ALA A 28 -15.07 15.50 6.89
C ALA A 28 -14.25 14.25 6.64
N ILE A 29 -13.37 13.90 7.57
CA ILE A 29 -12.53 12.69 7.41
C ILE A 29 -13.44 11.47 7.18
N LEU A 30 -14.39 11.29 8.08
CA LEU A 30 -15.28 10.15 8.05
C LEU A 30 -16.18 10.13 6.81
N SER A 31 -16.47 11.29 6.23
CA SER A 31 -17.35 11.39 5.09
C SER A 31 -16.81 10.67 3.89
N HIS A 32 -15.50 10.44 3.85
CA HIS A 32 -14.87 9.71 2.77
C HIS A 32 -14.96 8.20 2.84
N TYR A 33 -15.45 7.70 3.96
CA TYR A 33 -15.51 6.28 4.21
C TYR A 33 -16.94 5.78 4.16
N ALA A 34 -17.06 4.52 3.74
CA ALA A 34 -18.31 3.85 3.71
C ALA A 34 -18.71 3.52 5.11
N ASP A 35 -20.01 3.48 5.35
CA ASP A 35 -20.48 2.93 6.62
C ASP A 35 -19.91 1.51 6.73
N GLY A 36 -19.52 1.11 7.92
CA GLY A 36 -19.00 -0.20 8.19
C GLY A 36 -17.62 -0.48 7.70
N PHE A 37 -16.89 0.56 7.28
CA PHE A 37 -15.56 0.36 6.78
C PHE A 37 -14.61 -0.27 7.79
N GLU A 38 -13.63 -1.01 7.28
CA GLU A 38 -12.61 -1.59 8.11
C GLU A 38 -11.33 -0.81 8.01
N SER A 40 -7.06 -0.96 9.46
CA SER A 40 -6.01 -1.60 10.18
C SER A 40 -4.88 -0.63 10.34
N SER A 41 -4.23 -0.73 11.50
CA SER A 41 -3.04 0.02 11.78
C SER A 41 -2.17 -0.69 12.81
N PRO A 42 -0.85 -0.60 12.65
CA PRO A 42 0.00 -1.18 13.66
C PRO A 42 -0.14 -0.45 14.98
N ILE A 44 -3.09 0.19 16.23
CA ILE A 44 -4.22 -0.46 16.88
C ILE A 44 -3.73 -1.72 17.58
N VAL A 45 -2.79 -2.42 16.95
CA VAL A 45 -2.25 -3.64 17.55
C VAL A 45 -1.75 -3.39 18.93
N GLN A 46 -1.02 -2.29 19.05
CA GLN A 46 -0.41 -1.89 20.28
C GLN A 46 -1.48 -1.53 21.34
N ILE A 47 -2.44 -0.70 20.94
CA ILE A 47 -3.44 -0.21 21.88
C ILE A 47 -4.55 -1.24 22.15
N ALA A 48 -5.28 -1.64 21.10
CA ALA A 48 -6.38 -2.59 21.22
C ALA A 48 -5.90 -4.03 21.50
N GLY A 49 -4.62 -4.31 21.24
CA GLY A 49 -4.04 -5.61 21.55
C GLY A 49 -4.08 -6.64 20.44
N PRO A 51 -4.30 -8.23 17.30
CA PRO A 51 -3.26 -8.86 16.47
C PRO A 51 -3.46 -8.48 15.03
N SER A 52 -4.72 -8.50 14.62
CA SER A 52 -5.15 -8.03 13.32
C SER A 52 -4.98 -6.51 13.19
N GLY A 53 -4.93 -5.79 14.31
CA GLY A 53 -4.80 -4.31 14.31
C GLY A 53 -6.00 -3.62 13.74
N ARG A 54 -7.17 -4.25 13.87
CA ARG A 54 -8.34 -3.81 13.15
C ARG A 54 -9.47 -3.17 13.96
N LEU A 55 -10.07 -2.16 13.41
CA LEU A 55 -11.27 -1.57 13.93
C LEU A 55 -12.24 -1.49 12.78
N ARG A 56 -13.52 -1.35 13.13
N ARG A 56 -13.51 -1.37 13.07
CA ARG A 56 -14.57 -1.32 12.13
CA ARG A 56 -14.44 -1.19 11.97
C ARG A 56 -15.63 -0.30 12.46
C ARG A 56 -15.65 -0.40 12.40
N GLY A 57 -16.09 0.39 11.43
CA GLY A 57 -17.22 1.26 11.57
C GLY A 57 -16.86 2.65 12.00
N LYS A 58 -17.75 3.56 11.65
CA LYS A 58 -17.49 4.95 11.94
C LYS A 58 -17.51 5.26 13.44
N GLU A 59 -18.31 4.53 14.22
CA GLU A 59 -18.35 4.77 15.67
C GLU A 59 -16.97 4.47 16.29
N GLN A 60 -16.49 3.26 16.03
CA GLN A 60 -15.26 2.78 16.64
C GLN A 60 -14.05 3.52 16.11
N VAL A 61 -13.98 3.63 14.80
CA VAL A 61 -12.79 4.26 14.21
C VAL A 61 -12.77 5.78 14.47
N GLY A 62 -13.93 6.41 14.43
CA GLY A 62 -14.04 7.83 14.70
C GLY A 62 -13.58 8.17 16.12
N ALA A 63 -13.85 7.28 17.06
CA ALA A 63 -13.42 7.47 18.44
C ALA A 63 -11.91 7.57 18.47
N TYR A 64 -11.25 6.68 17.77
CA TYR A 64 -9.84 6.67 17.75
C TYR A 64 -9.30 7.93 17.09
N TRP A 65 -9.87 8.35 15.97
CA TRP A 65 -9.31 9.51 15.29
C TRP A 65 -9.64 10.80 16.07
N ARG A 66 -10.77 10.78 16.78
CA ARG A 66 -11.17 11.87 17.65
C ARG A 66 -10.09 12.02 18.72
N GLU A 67 -9.65 10.89 19.27
CA GLU A 67 -8.56 10.90 20.24
C GLU A 67 -7.24 11.38 19.65
N ALA A 68 -6.95 11.00 18.40
CA ALA A 68 -5.75 11.44 17.75
C ALA A 68 -5.75 12.96 17.66
N LEU A 69 -6.87 13.52 17.23
CA LEU A 69 -6.96 14.97 17.02
C LEU A 69 -6.88 15.72 18.32
N ARG A 70 -7.38 15.09 19.40
CA ARG A 70 -7.35 15.67 20.73
C ARG A 70 -5.90 15.62 21.23
N ILE A 72 -3.13 15.56 19.40
CA ILE A 72 -2.24 16.32 18.55
C ILE A 72 -3.03 17.44 17.93
N PRO A 73 -3.35 18.48 18.71
CA PRO A 73 -4.27 19.50 18.21
C PRO A 73 -3.69 20.33 17.08
N ASP A 74 -2.39 20.27 16.91
CA ASP A 74 -1.76 20.99 15.79
C ASP A 74 -1.32 20.02 14.71
N LEU A 75 -1.97 18.87 14.65
CA LEU A 75 -1.66 17.85 13.66
C LEU A 75 -1.61 18.44 12.24
N HIS A 76 -0.57 18.07 11.54
CA HIS A 76 -0.49 18.46 10.15
C HIS A 76 0.15 17.31 9.37
N PHE A 77 -0.42 16.97 8.23
CA PHE A 77 0.08 15.95 7.32
C PHE A 77 0.64 16.65 6.13
N GLU A 78 1.89 16.37 5.85
CA GLU A 78 2.51 16.97 4.69
C GLU A 78 2.43 15.92 3.59
N TRP A 79 1.62 16.19 2.58
CA TRP A 79 1.50 15.28 1.46
C TRP A 79 2.81 15.08 0.72
N ILE A 80 3.10 13.84 0.34
CA ILE A 80 4.31 13.46 -0.44
C ILE A 80 3.92 12.90 -1.82
N ALA A 81 3.03 11.91 -1.89
CA ALA A 81 2.68 11.33 -3.16
C ALA A 81 1.39 10.55 -3.05
N THR A 82 0.68 10.45 -4.15
CA THR A 82 -0.54 9.65 -4.21
C THR A 82 -0.42 8.76 -5.43
N LEU A 83 -0.76 7.49 -5.27
CA LEU A 83 -0.63 6.50 -6.34
C LEU A 83 -1.90 5.74 -6.47
N ALA A 84 -2.18 5.29 -7.68
CA ALA A 84 -3.41 4.54 -7.98
C ALA A 84 -3.13 3.10 -8.31
N GLY A 85 -3.93 2.23 -7.65
CA GLY A 85 -3.94 0.82 -7.93
C GLY A 85 -5.23 0.47 -8.67
N VAL A 86 -5.56 -0.80 -8.68
CA VAL A 86 -6.76 -1.28 -9.40
C VAL A 86 -8.02 -0.85 -8.65
N ASP A 87 -8.11 -1.15 -7.35
CA ASP A 87 -9.28 -0.68 -6.57
C ASP A 87 -8.85 0.11 -5.34
N SER A 88 -7.60 0.57 -5.33
CA SER A 88 -7.09 1.23 -4.17
C SER A 88 -6.28 2.44 -4.57
N VAL A 89 -6.15 3.31 -3.59
CA VAL A 89 -5.32 4.50 -3.67
C VAL A 89 -4.37 4.41 -2.51
N ALA A 90 -3.14 4.86 -2.77
CA ALA A 90 -2.12 4.94 -1.73
C ALA A 90 -1.72 6.38 -1.56
N ILE A 91 -1.88 6.88 -0.35
CA ILE A 91 -1.41 8.19 0.04
C ILE A 91 -0.21 8.14 0.97
N HIS A 92 0.89 8.68 0.48
CA HIS A 92 2.13 8.79 1.20
C HIS A 92 2.29 10.23 1.69
N TYR A 93 2.61 10.35 2.97
CA TYR A 93 2.63 11.63 3.64
C TYR A 93 3.50 11.55 4.88
N ARG A 94 3.90 12.71 5.34
CA ARG A 94 4.58 12.84 6.62
C ARG A 94 3.50 13.19 7.66
N GLY A 95 3.36 12.32 8.66
CA GLY A 95 2.30 12.44 9.66
C GLY A 95 2.77 13.11 10.92
N ALA A 96 2.09 12.72 12.00
CA ALA A 96 2.37 13.26 13.32
C ALA A 96 3.85 13.12 13.66
N LYS A 97 4.44 14.21 14.14
CA LYS A 97 5.84 14.27 14.55
C LYS A 97 6.84 14.08 13.40
N GLY A 98 6.38 14.23 12.18
CA GLY A 98 7.25 14.08 11.06
C GLY A 98 7.49 12.64 10.63
N ARG A 99 6.70 11.72 11.16
CA ARG A 99 6.89 10.33 10.78
C ARG A 99 6.32 10.06 9.39
N LEU A 100 7.05 9.34 8.56
CA LEU A 100 6.53 9.01 7.24
C LEU A 100 5.45 7.96 7.38
N ALA A 101 4.46 8.10 6.52
CA ALA A 101 3.28 7.29 6.62
C ALA A 101 2.74 6.97 5.26
N LEU A 102 1.88 5.96 5.28
N LEU A 102 1.90 5.94 5.18
CA LEU A 102 1.21 5.57 4.09
CA LEU A 102 1.36 5.48 3.88
C LEU A 102 -0.14 5.04 4.52
C LEU A 102 0.04 4.76 4.14
N GLU A 103 -1.11 5.42 3.77
CA GLU A 103 -2.41 4.88 4.01
C GLU A 103 -2.84 4.30 2.68
N VAL A 104 -3.34 3.06 2.69
CA VAL A 104 -3.87 2.43 1.52
C VAL A 104 -5.38 2.36 1.67
N PHE A 105 -6.10 2.76 0.63
CA PHE A 105 -7.55 2.83 0.67
C PHE A 105 -8.16 2.00 -0.44
N HIS A 106 -9.06 1.10 -0.07
CA HIS A 106 -9.80 0.29 -1.02
C HIS A 106 -11.18 0.84 -1.10
N PHE A 107 -11.71 0.98 -2.31
CA PHE A 107 -12.99 1.66 -2.49
C PHE A 107 -14.11 0.71 -2.85
N GLY A 108 -15.31 1.09 -2.41
CA GLY A 108 -16.54 0.37 -2.67
C GLY A 108 -17.25 0.95 -3.86
N PRO A 109 -18.49 0.51 -4.08
CA PRO A 109 -19.19 0.92 -5.28
C PRO A 109 -19.61 2.38 -5.32
N ASP A 110 -19.74 3.05 -4.17
CA ASP A 110 -20.10 4.47 -4.15
C ASP A 110 -18.85 5.37 -4.02
N ARG A 111 -17.68 4.85 -4.39
CA ARG A 111 -16.45 5.63 -4.37
C ARG A 111 -16.05 6.13 -2.95
N ARG A 112 -16.51 5.42 -1.92
CA ARG A 112 -16.06 5.65 -0.56
C ARG A 112 -15.21 4.49 -0.09
N VAL A 113 -14.39 4.76 0.91
CA VAL A 113 -13.43 3.82 1.38
C VAL A 113 -14.14 2.70 2.18
N VAL A 114 -13.93 1.46 1.76
CA VAL A 114 -14.45 0.29 2.49
C VAL A 114 -13.41 -0.39 3.37
N LYS A 115 -12.13 -0.17 3.04
CA LYS A 115 -11.05 -0.76 3.81
C LYS A 115 -9.85 0.15 3.71
N ALA A 116 -9.21 0.39 4.84
CA ALA A 116 -8.00 1.21 4.82
C ALA A 116 -6.93 0.56 5.66
N LEU A 117 -5.66 0.76 5.30
CA LEU A 117 -4.56 0.13 6.00
C LEU A 117 -3.48 1.15 6.18
N ALA A 118 -3.11 1.37 7.44
CA ALA A 118 -2.07 2.35 7.72
C ALA A 118 -0.71 1.63 7.73
N HIS A 119 0.32 2.36 7.31
CA HIS A 119 1.71 1.90 7.35
C HIS A 119 2.56 3.08 7.77
N TYR A 120 3.61 2.80 8.51
CA TYR A 120 4.52 3.82 9.02
C TYR A 120 5.94 3.40 8.85
N ALA A 121 6.80 4.39 8.62
CA ALA A 121 8.20 4.16 8.56
C ALA A 121 8.71 4.05 10.00
N GLY A 122 9.90 3.49 10.15
CA GLY A 122 10.50 3.30 11.49
C GLY A 122 11.95 3.73 11.50
N GLU B 3 3.00 -9.48 17.34
CA GLU B 3 4.11 -8.65 16.80
C GLU B 3 3.81 -8.22 15.38
N PRO B 4 3.51 -6.93 15.15
CA PRO B 4 3.40 -6.56 13.73
C PRO B 4 4.73 -6.76 12.98
N ILE B 5 4.67 -6.71 11.65
CA ILE B 5 5.84 -6.73 10.79
C ILE B 5 6.88 -5.84 11.37
N THR B 6 8.08 -6.36 11.58
CA THR B 6 9.12 -5.58 12.20
C THR B 6 9.83 -4.70 11.18
N GLN B 7 10.46 -3.63 11.63
N GLN B 7 10.44 -3.63 11.68
CA GLN B 7 11.19 -2.80 10.68
CA GLN B 7 11.29 -2.75 10.86
C GLN B 7 12.45 -3.56 10.22
C GLN B 7 12.43 -3.55 10.25
N ALA B 8 13.03 -4.40 11.08
CA ALA B 8 14.14 -5.27 10.65
C ALA B 8 13.72 -5.95 9.33
N PHE B 9 12.60 -6.66 9.45
CA PHE B 9 12.08 -7.43 8.36
C PHE B 9 11.73 -6.53 7.16
N ALA B 10 11.07 -5.41 7.40
CA ALA B 10 10.58 -4.62 6.28
C ALA B 10 11.71 -4.09 5.40
N GLN B 11 12.78 -3.68 6.06
CA GLN B 11 13.93 -3.13 5.37
C GLN B 11 14.70 -4.18 4.63
N GLN B 12 14.93 -5.33 5.25
N GLN B 12 14.95 -5.31 5.28
CA GLN B 12 15.71 -6.38 4.64
CA GLN B 12 15.68 -6.42 4.67
C GLN B 12 14.91 -6.97 3.46
C GLN B 12 14.89 -6.85 3.44
N PHE B 13 13.60 -7.13 3.65
CA PHE B 13 12.77 -7.57 2.56
C PHE B 13 12.88 -6.57 1.41
N SER B 14 12.74 -5.29 1.70
CA SER B 14 12.80 -4.27 0.66
C SER B 14 14.14 -4.30 -0.11
N ARG B 15 15.24 -4.38 0.62
N ARG B 15 15.22 -4.38 0.66
CA ARG B 15 16.55 -4.40 -0.02
CA ARG B 15 16.56 -4.50 0.12
C ARG B 15 16.73 -5.65 -0.88
C ARG B 15 16.64 -5.62 -0.87
N GLU B 16 16.24 -6.81 -0.43
CA GLU B 16 16.38 -8.01 -1.23
C GLU B 16 15.47 -7.94 -2.42
N TRP B 17 14.23 -7.44 -2.25
CA TRP B 17 13.27 -7.43 -3.34
C TRP B 17 13.73 -6.46 -4.42
N ILE B 18 14.15 -5.25 -4.04
CA ILE B 18 14.69 -4.29 -5.00
C ILE B 18 15.93 -4.86 -5.71
N ASP B 19 16.81 -5.43 -4.93
CA ASP B 19 18.04 -5.98 -5.52
C ASP B 19 17.73 -7.12 -6.45
N ALA B 20 16.71 -7.93 -6.15
CA ALA B 20 16.40 -9.09 -6.99
C ALA B 20 15.87 -8.63 -8.36
N TRP B 21 14.97 -7.65 -8.33
CA TRP B 21 14.50 -7.04 -9.55
C TRP B 21 15.63 -6.42 -10.35
N ASN B 22 16.52 -5.69 -9.67
CA ASN B 22 17.60 -4.99 -10.34
C ASN B 22 18.62 -5.93 -10.95
N ALA B 23 18.74 -7.11 -10.32
CA ALA B 23 19.59 -8.19 -10.80
C ALA B 23 18.90 -8.99 -11.90
N HIS B 24 17.63 -8.67 -12.15
CA HIS B 24 16.85 -9.38 -13.19
C HIS B 24 16.87 -10.92 -12.98
N ASP B 25 16.74 -11.29 -11.71
CA ASP B 25 16.92 -12.64 -11.24
C ASP B 25 15.54 -13.10 -10.80
N LEU B 26 14.82 -13.70 -11.72
CA LEU B 26 13.46 -14.08 -11.45
C LEU B 26 13.38 -15.13 -10.34
N ASP B 27 14.31 -16.09 -10.31
CA ASP B 27 14.28 -17.02 -9.18
C ASP B 27 14.39 -16.27 -7.86
N ALA B 28 15.27 -15.27 -7.79
CA ALA B 28 15.41 -14.54 -6.54
C ALA B 28 14.13 -13.78 -6.19
N ILE B 29 13.58 -13.13 -7.18
CA ILE B 29 12.33 -12.39 -6.98
C ILE B 29 11.25 -13.31 -6.40
N LEU B 30 11.04 -14.45 -7.06
CA LEU B 30 9.95 -15.38 -6.74
C LEU B 30 10.18 -16.05 -5.39
N SER B 31 11.43 -16.10 -4.92
CA SER B 31 11.75 -16.72 -3.66
C SER B 31 11.04 -16.01 -2.51
N HIS B 32 10.63 -14.76 -2.73
CA HIS B 32 10.03 -14.00 -1.70
C HIS B 32 8.53 -14.25 -1.58
N TYR B 33 7.98 -15.00 -2.53
CA TYR B 33 6.52 -15.15 -2.65
C TYR B 33 6.09 -16.55 -2.30
N ALA B 34 4.91 -16.62 -1.68
CA ALA B 34 4.26 -17.87 -1.35
C ALA B 34 3.63 -18.50 -2.61
N ASP B 35 3.51 -19.83 -2.59
CA ASP B 35 2.75 -20.49 -3.63
C ASP B 35 1.35 -19.90 -3.67
N GLY B 36 0.86 -19.70 -4.89
CA GLY B 36 -0.45 -19.20 -5.09
C GLY B 36 -0.68 -17.76 -4.69
N PHE B 37 0.39 -16.98 -4.59
CA PHE B 37 0.21 -15.57 -4.24
C PHE B 37 -0.64 -14.81 -5.24
N GLU B 38 -1.36 -13.83 -4.71
N GLU B 38 -1.36 -13.85 -4.71
CA GLU B 38 -2.22 -13.01 -5.53
CA GLU B 38 -2.22 -13.01 -5.50
C GLU B 38 -1.49 -11.75 -5.87
C GLU B 38 -1.43 -11.78 -5.88
N SER B 40 -2.13 -8.01 -7.79
CA SER B 40 -3.00 -7.00 -8.37
C SER B 40 -2.19 -5.88 -8.93
N SER B 41 -2.44 -5.51 -10.18
CA SER B 41 -1.74 -4.36 -10.72
C SER B 41 -2.51 -3.70 -11.85
N PRO B 42 -2.45 -2.37 -11.96
CA PRO B 42 -3.02 -1.73 -13.14
C PRO B 42 -2.40 -2.28 -14.43
N ILE B 44 -1.73 -5.35 -15.05
CA ILE B 44 -2.45 -6.60 -15.37
C ILE B 44 -3.71 -6.30 -16.15
N VAL B 45 -4.40 -5.23 -15.77
CA VAL B 45 -5.61 -4.88 -16.47
C VAL B 45 -5.26 -4.61 -17.89
N GLN B 46 -4.21 -3.83 -18.05
CA GLN B 46 -3.86 -3.33 -19.37
C GLN B 46 -3.30 -4.39 -20.25
N ILE B 47 -2.33 -5.13 -19.72
CA ILE B 47 -1.57 -6.09 -20.51
C ILE B 47 -2.23 -7.45 -20.58
N ALA B 48 -2.38 -8.06 -19.41
CA ALA B 48 -2.95 -9.39 -19.29
C ALA B 48 -4.41 -9.43 -19.74
N GLY B 49 -5.05 -8.27 -19.83
CA GLY B 49 -6.43 -8.19 -20.30
C GLY B 49 -7.38 -8.81 -19.29
N GLU B 50 -7.04 -8.65 -18.01
N GLU B 50 -7.03 -8.67 -18.00
CA GLU B 50 -7.87 -9.10 -16.92
CA GLU B 50 -7.88 -9.11 -16.90
C GLU B 50 -8.49 -7.88 -16.25
C GLU B 50 -8.50 -7.86 -16.26
N PRO B 51 -9.80 -7.64 -16.45
CA PRO B 51 -10.46 -6.47 -15.84
C PRO B 51 -10.33 -6.35 -14.33
N SER B 52 -10.17 -7.47 -13.64
CA SER B 52 -9.96 -7.43 -12.20
C SER B 52 -8.61 -6.90 -11.85
N GLY B 53 -7.66 -6.98 -12.78
CA GLY B 53 -6.27 -6.64 -12.51
C GLY B 53 -5.53 -7.64 -11.67
N ARG B 54 -6.06 -8.87 -11.59
CA ARG B 54 -5.48 -9.91 -10.71
C ARG B 54 -4.96 -11.12 -11.48
N LEU B 55 -3.85 -11.63 -11.03
CA LEU B 55 -3.28 -12.86 -11.50
C LEU B 55 -2.89 -13.59 -10.21
N ARG B 56 -2.69 -14.90 -10.29
N ARG B 56 -2.66 -14.89 -10.29
CA ARG B 56 -2.37 -15.71 -9.12
CA ARG B 56 -2.40 -15.70 -9.10
C ARG B 56 -1.34 -16.76 -9.44
C ARG B 56 -1.41 -16.80 -9.39
N GLY B 57 -0.41 -16.93 -8.52
CA GLY B 57 0.53 -18.02 -8.60
C GLY B 57 1.80 -17.72 -9.34
N LYS B 58 2.82 -18.50 -9.02
CA LYS B 58 4.15 -18.28 -9.60
C LYS B 58 4.24 -18.57 -11.10
N GLU B 59 3.50 -19.56 -11.61
CA GLU B 59 3.56 -19.89 -13.03
C GLU B 59 2.94 -18.71 -13.78
N GLN B 60 1.76 -18.32 -13.34
CA GLN B 60 1.00 -17.32 -14.11
C GLN B 60 1.65 -15.94 -13.99
N VAL B 61 1.91 -15.53 -12.75
CA VAL B 61 2.51 -14.21 -12.53
C VAL B 61 3.96 -14.18 -13.00
N GLY B 62 4.68 -15.27 -12.74
CA GLY B 62 6.08 -15.41 -13.17
C GLY B 62 6.24 -15.29 -14.67
N ALA B 63 5.27 -15.80 -15.46
CA ALA B 63 5.33 -15.73 -16.92
C ALA B 63 5.41 -14.28 -17.38
N TYR B 64 4.62 -13.44 -16.73
CA TYR B 64 4.62 -12.03 -17.04
C TYR B 64 5.90 -11.36 -16.61
N TRP B 65 6.33 -11.66 -15.41
CA TRP B 65 7.58 -11.06 -14.96
C TRP B 65 8.78 -11.48 -15.81
N ARG B 66 8.81 -12.76 -16.21
CA ARG B 66 9.83 -13.29 -17.06
C ARG B 66 9.87 -12.49 -18.34
N GLU B 67 8.69 -12.22 -18.93
CA GLU B 67 8.65 -11.46 -20.14
C GLU B 67 9.00 -9.99 -19.94
N ALA B 68 8.60 -9.42 -18.79
CA ALA B 68 9.01 -8.06 -18.43
C ALA B 68 10.51 -7.93 -18.45
N LEU B 69 11.22 -8.90 -17.85
CA LEU B 69 12.68 -8.83 -17.78
C LEU B 69 13.32 -9.01 -19.13
N ARG B 70 12.66 -9.80 -19.97
CA ARG B 70 13.16 -10.00 -21.32
C ARG B 70 13.00 -8.72 -22.18
N ILE B 72 12.42 -5.56 -21.04
CA ILE B 72 12.97 -4.34 -20.42
C ILE B 72 14.30 -4.80 -19.82
N PRO B 73 15.30 -5.02 -20.68
CA PRO B 73 16.51 -5.73 -20.23
C PRO B 73 17.36 -4.96 -19.24
N ASP B 74 17.17 -3.66 -19.20
N ASP B 74 17.14 -3.66 -19.19
CA ASP B 74 17.88 -2.83 -18.24
CA ASP B 74 17.84 -2.78 -18.31
C ASP B 74 16.87 -2.23 -17.26
C ASP B 74 16.95 -2.29 -17.17
N LEU B 75 15.86 -3.03 -16.91
CA LEU B 75 14.89 -2.68 -15.89
C LEU B 75 15.62 -2.34 -14.59
N HIS B 76 15.18 -1.28 -13.93
CA HIS B 76 15.82 -0.85 -12.71
C HIS B 76 14.84 -0.12 -11.86
N PHE B 77 14.77 -0.46 -10.57
CA PHE B 77 13.89 0.19 -9.61
C PHE B 77 14.74 0.96 -8.63
N GLU B 78 14.34 2.18 -8.28
CA GLU B 78 15.02 2.94 -7.21
C GLU B 78 14.19 2.91 -5.97
N TRP B 79 14.75 2.39 -4.90
CA TRP B 79 14.06 2.33 -3.61
C TRP B 79 14.01 3.68 -2.92
N ILE B 80 12.80 4.16 -2.68
CA ILE B 80 12.58 5.44 -1.98
C ILE B 80 12.29 5.24 -0.51
N ALA B 81 11.28 4.46 -0.16
CA ALA B 81 10.99 4.28 1.26
C ALA B 81 10.27 2.97 1.49
N THR B 82 10.32 2.48 2.72
CA THR B 82 9.53 1.32 3.07
C THR B 82 8.75 1.65 4.33
N LEU B 83 7.48 1.25 4.35
CA LEU B 83 6.63 1.54 5.49
C LEU B 83 5.99 0.24 5.92
N ALA B 84 5.88 0.04 7.22
CA ALA B 84 5.38 -1.23 7.76
C ALA B 84 3.98 -1.08 8.30
N GLY B 85 3.15 -2.09 8.00
CA GLY B 85 1.82 -2.17 8.55
C GLY B 85 1.65 -3.35 9.49
N VAL B 86 0.47 -3.94 9.52
CA VAL B 86 0.23 -5.05 10.46
C VAL B 86 0.86 -6.32 9.94
N ASP B 87 0.41 -6.71 8.76
CA ASP B 87 0.93 -7.92 8.13
C ASP B 87 1.48 -7.58 6.76
N SER B 88 1.74 -6.29 6.53
CA SER B 88 2.17 -5.84 5.22
C SER B 88 3.34 -4.86 5.29
N VAL B 89 4.05 -4.81 4.18
CA VAL B 89 5.14 -3.85 3.95
C VAL B 89 4.75 -3.10 2.69
N ALA B 90 5.01 -1.82 2.67
CA ALA B 90 4.77 -1.01 1.46
C ALA B 90 6.09 -0.52 1.00
N ILE B 91 6.45 -0.84 -0.24
CA ILE B 91 7.68 -0.37 -0.83
C ILE B 91 7.34 0.72 -1.82
N HIS B 92 7.94 1.90 -1.61
CA HIS B 92 7.73 3.04 -2.48
C HIS B 92 9.02 3.11 -3.27
N TYR B 93 8.87 3.15 -4.59
CA TYR B 93 10.04 3.13 -5.44
C TYR B 93 9.73 3.76 -6.77
N ARG B 94 10.78 4.10 -7.48
CA ARG B 94 10.67 4.60 -8.82
C ARG B 94 10.89 3.47 -9.80
N GLY B 95 9.88 3.25 -10.64
CA GLY B 95 9.78 2.13 -11.57
C GLY B 95 10.76 2.20 -12.71
N ALA B 96 10.75 1.09 -13.46
CA ALA B 96 11.67 0.88 -14.60
C ALA B 96 11.62 2.03 -15.61
N LYS B 97 10.46 2.69 -15.75
CA LYS B 97 10.32 3.77 -16.74
C LYS B 97 10.05 5.15 -16.09
N GLY B 98 10.39 5.26 -14.82
CA GLY B 98 10.30 6.54 -14.15
C GLY B 98 8.97 6.78 -13.47
N ARG B 99 8.04 5.85 -13.59
CA ARG B 99 6.81 6.00 -12.86
C ARG B 99 7.12 5.88 -11.38
N LEU B 100 6.32 6.57 -10.61
CA LEU B 100 6.35 6.42 -9.18
C LEU B 100 5.48 5.22 -8.84
N ALA B 101 5.97 4.41 -7.92
CA ALA B 101 5.32 3.18 -7.55
C ALA B 101 5.23 3.01 -6.06
N LEU B 102 4.22 2.26 -5.69
CA LEU B 102 3.96 1.93 -4.30
C LEU B 102 3.29 0.56 -4.29
N GLU B 103 4.06 -0.44 -3.84
CA GLU B 103 3.65 -1.81 -3.86
C GLU B 103 3.48 -2.28 -2.45
N VAL B 104 2.31 -2.87 -2.18
CA VAL B 104 1.98 -3.34 -0.86
C VAL B 104 2.08 -4.87 -0.89
N PHE B 105 2.79 -5.40 0.11
CA PHE B 105 3.01 -6.83 0.21
C PHE B 105 2.49 -7.34 1.50
N HIS B 106 1.56 -8.28 1.43
CA HIS B 106 1.01 -8.94 2.58
C HIS B 106 1.70 -10.26 2.76
N PHE B 107 2.05 -10.55 4.00
CA PHE B 107 2.84 -11.75 4.29
C PHE B 107 2.03 -12.81 4.99
N GLY B 108 2.44 -14.07 4.77
CA GLY B 108 1.77 -15.20 5.34
C GLY B 108 2.56 -15.74 6.50
N PRO B 109 2.14 -16.92 7.00
CA PRO B 109 2.77 -17.57 8.13
C PRO B 109 4.23 -17.78 7.92
N ASP B 110 4.64 -18.17 6.70
CA ASP B 110 6.05 -18.49 6.42
C ASP B 110 6.92 -17.27 6.09
N ARG B 111 6.43 -16.06 6.39
CA ARG B 111 7.14 -14.81 6.02
C ARG B 111 7.34 -14.58 4.48
N ARG B 112 6.51 -15.19 3.65
CA ARG B 112 6.55 -14.92 2.24
C ARG B 112 5.27 -14.19 1.84
N VAL B 113 5.34 -13.55 0.69
CA VAL B 113 4.27 -12.69 0.21
C VAL B 113 3.13 -13.54 -0.33
N VAL B 114 1.96 -13.35 0.26
CA VAL B 114 0.77 -14.08 -0.17
C VAL B 114 -0.11 -13.23 -1.07
N LYS B 115 0.06 -11.89 -0.98
CA LYS B 115 -0.75 -10.97 -1.76
C LYS B 115 0.06 -9.67 -1.97
N ALA B 116 0.09 -9.19 -3.19
CA ALA B 116 0.79 -7.93 -3.47
C ALA B 116 -0.10 -7.11 -4.37
N LEU B 117 -0.09 -5.78 -4.14
CA LEU B 117 -0.92 -4.84 -4.93
C LEU B 117 -0.02 -3.70 -5.34
N ALA B 118 0.00 -3.40 -6.64
CA ALA B 118 0.82 -2.36 -7.21
C ALA B 118 -0.03 -1.09 -7.36
N HIS B 119 0.63 0.06 -7.21
CA HIS B 119 0.02 1.36 -7.37
C HIS B 119 1.03 2.22 -8.07
N TYR B 120 0.55 3.09 -8.97
CA TYR B 120 1.45 3.97 -9.70
C TYR B 120 0.93 5.38 -9.86
N ALA B 121 1.88 6.30 -10.12
CA ALA B 121 1.58 7.65 -10.57
C ALA B 121 2.68 8.14 -11.52
N GLY B 122 2.37 9.19 -12.23
CA GLY B 122 3.36 9.94 -12.99
C GLY B 122 3.49 9.33 -14.35
#